data_6T69
#
_entry.id   6T69
#
_cell.length_a   205.858
_cell.length_b   205.858
_cell.length_c   40.584
_cell.angle_alpha   90.000
_cell.angle_beta   90.000
_cell.angle_gamma   120.000
#
_symmetry.space_group_name_H-M   'P 62 2 2'
#
loop_
_entity.id
_entity.type
_entity.pdbx_description
1 polymer 'Membrane occupation and recognition nexus protein MORN1'
2 non-polymer 1,2-ETHANEDIOL
3 non-polymer 'ZINC ION'
4 non-polymer GLYCEROL
5 water water
#
_entity_poly.entity_id   1
_entity_poly.type   'polypeptide(L)'
_entity_poly.pdbx_seq_one_letter_code
;EKYEGDWVNGKMHGHGKYIYSDGGVYEGDWIDGKMHGKGTYVFPNGNVYEGEWAHDMKDGYGVLTYQNGEKYEGYWKQDK
VHGKGTLTYTRGDKYIGDWMDAKKDGEGELIYANGDRFKGQWADDRANGFGVFTYANGNRYEGEWTDDKRHGRGVFYCAE
DGSAYEGEFVGGRKEGNGILRLATGHQLEGTWSGGQLVRVTSFVFAQDSPWLNVDL
;
_entity_poly.pdbx_strand_id   A
#
loop_
_chem_comp.id
_chem_comp.type
_chem_comp.name
_chem_comp.formula
EDO non-polymer 1,2-ETHANEDIOL 'C2 H6 O2'
GOL non-polymer GLYCEROL 'C3 H8 O3'
ZN non-polymer 'ZINC ION' 'Zn 2'
#
# COMPACT_ATOMS: atom_id res chain seq x y z
N LYS A 2 31.22 15.21 -12.21
CA LYS A 2 32.43 14.56 -11.72
C LYS A 2 32.24 13.05 -11.66
N TYR A 3 33.23 12.31 -12.15
CA TYR A 3 33.22 10.86 -12.10
C TYR A 3 34.57 10.38 -11.61
N GLU A 4 34.55 9.42 -10.68
CA GLU A 4 35.76 8.84 -10.10
C GLU A 4 35.58 7.32 -10.11
N GLY A 5 36.11 6.66 -11.14
CA GLY A 5 35.95 5.21 -11.22
C GLY A 5 36.50 4.64 -12.51
N ASP A 6 35.93 3.51 -12.91
CA ASP A 6 36.43 2.71 -14.00
C ASP A 6 35.93 3.20 -15.35
N TRP A 7 36.81 3.19 -16.34
CA TRP A 7 36.48 3.49 -17.73
C TRP A 7 36.84 2.28 -18.60
N VAL A 8 35.94 1.93 -19.52
CA VAL A 8 36.17 0.89 -20.51
C VAL A 8 35.64 1.41 -21.83
N ASN A 9 36.44 1.30 -22.89
CA ASN A 9 36.15 1.91 -24.19
CA ASN A 9 36.16 1.91 -24.20
C ASN A 9 36.02 3.40 -23.94
N GLY A 10 34.94 4.06 -24.34
CA GLY A 10 34.77 5.46 -24.04
C GLY A 10 33.72 5.76 -22.99
N LYS A 11 33.19 4.74 -22.33
N LYS A 11 33.19 4.73 -22.33
CA LYS A 11 32.07 4.90 -21.43
CA LYS A 11 32.07 4.89 -21.42
C LYS A 11 32.45 4.52 -20.00
C LYS A 11 32.47 4.54 -20.00
N MET A 12 31.68 5.04 -19.05
CA MET A 12 31.82 4.62 -17.66
C MET A 12 31.38 3.17 -17.55
N HIS A 13 32.26 2.33 -17.00
CA HIS A 13 32.05 0.89 -17.11
C HIS A 13 32.88 0.20 -16.04
N GLY A 14 32.20 -0.45 -15.10
CA GLY A 14 32.86 -0.96 -13.92
C GLY A 14 32.21 -0.39 -12.67
N HIS A 15 33.02 0.13 -11.76
CA HIS A 15 32.54 0.70 -10.51
C HIS A 15 33.06 2.12 -10.37
N GLY A 16 32.24 3.02 -9.85
CA GLY A 16 32.66 4.40 -9.73
C GLY A 16 31.59 5.27 -9.08
N LYS A 17 32.04 6.42 -8.59
CA LYS A 17 31.18 7.43 -8.00
C LYS A 17 30.98 8.56 -8.99
N TYR A 18 29.74 9.06 -9.06
CA TYR A 18 29.39 10.13 -9.99
C TYR A 18 28.59 11.19 -9.25
N ILE A 19 28.94 12.46 -9.46
CA ILE A 19 28.26 13.59 -8.86
C ILE A 19 27.47 14.29 -9.96
N TYR A 20 26.16 14.43 -9.74
CA TYR A 20 25.26 14.95 -10.75
C TYR A 20 25.09 16.47 -10.62
N SER A 21 24.61 17.08 -11.72
CA SER A 21 24.49 18.52 -11.79
C SER A 21 23.58 19.07 -10.70
N ASP A 22 22.58 18.31 -10.30
CA ASP A 22 21.66 18.74 -9.25
C ASP A 22 22.16 18.44 -7.85
N GLY A 23 23.32 17.79 -7.71
CA GLY A 23 23.88 17.49 -6.41
C GLY A 23 23.72 16.04 -5.96
N GLY A 24 22.96 15.23 -6.69
CA GLY A 24 22.87 13.82 -6.36
C GLY A 24 24.18 13.10 -6.58
N VAL A 25 24.37 12.00 -5.85
CA VAL A 25 25.60 11.22 -5.88
C VAL A 25 25.24 9.75 -6.02
N TYR A 26 25.91 9.06 -6.94
CA TYR A 26 25.76 7.62 -7.14
C TYR A 26 27.12 6.95 -7.00
N GLU A 27 27.18 5.91 -6.19
CA GLU A 27 28.33 5.01 -6.14
C GLU A 27 27.83 3.60 -6.43
N GLY A 28 28.45 2.93 -7.40
CA GLY A 28 28.06 1.57 -7.71
C GLY A 28 28.49 1.16 -9.11
N ASP A 29 27.74 0.20 -9.65
CA ASP A 29 28.11 -0.46 -10.89
C ASP A 29 27.67 0.34 -12.11
N TRP A 30 28.53 0.33 -13.14
CA TRP A 30 28.25 0.99 -14.39
C TRP A 30 28.43 0.01 -15.54
N ILE A 31 27.59 0.16 -16.57
CA ILE A 31 27.70 -0.63 -17.79
C ILE A 31 27.39 0.29 -18.96
N ASP A 32 28.39 0.54 -19.82
CA ASP A 32 28.22 1.37 -21.02
C ASP A 32 27.71 2.75 -20.67
N GLY A 33 28.29 3.34 -19.62
CA GLY A 33 27.97 4.71 -19.27
C GLY A 33 26.65 4.93 -18.57
N LYS A 34 25.93 3.87 -18.21
CA LYS A 34 24.67 4.00 -17.49
C LYS A 34 24.75 3.23 -16.17
N MET A 35 24.05 3.75 -15.16
CA MET A 35 23.93 3.04 -13.90
C MET A 35 23.26 1.69 -14.15
N HIS A 36 23.93 0.62 -13.74
CA HIS A 36 23.55 -0.72 -14.16
C HIS A 36 24.24 -1.76 -13.29
N GLY A 37 23.45 -2.52 -12.54
CA GLY A 37 24.00 -3.37 -11.50
C GLY A 37 23.51 -2.91 -10.15
N LYS A 38 24.38 -2.83 -9.16
CA LYS A 38 24.01 -2.43 -7.82
C LYS A 38 24.77 -1.16 -7.43
N GLY A 39 24.06 -0.23 -6.81
CA GLY A 39 24.69 0.98 -6.31
C GLY A 39 23.72 1.80 -5.49
N THR A 40 24.28 2.67 -4.65
CA THR A 40 23.46 3.56 -3.85
C THR A 40 23.49 4.96 -4.44
N TYR A 41 22.36 5.67 -4.30
CA TYR A 41 22.17 7.00 -4.86
C TYR A 41 21.58 7.89 -3.77
N VAL A 42 22.29 8.97 -3.44
CA VAL A 42 21.83 9.95 -2.47
C VAL A 42 21.22 11.12 -3.23
N PHE A 43 19.96 11.41 -2.95
CA PHE A 43 19.24 12.45 -3.68
C PHE A 43 19.44 13.81 -3.03
N PRO A 44 19.28 14.89 -3.79
CA PRO A 44 19.40 16.23 -3.19
C PRO A 44 18.44 16.47 -2.03
N ASN A 45 17.27 15.83 -2.03
CA ASN A 45 16.28 16.01 -0.98
C ASN A 45 16.53 15.16 0.25
N GLY A 46 17.57 14.33 0.25
CA GLY A 46 17.87 13.47 1.38
C GLY A 46 17.48 12.02 1.18
N ASN A 47 16.61 11.73 0.22
CA ASN A 47 16.24 10.35 -0.08
C ASN A 47 17.49 9.57 -0.50
N VAL A 48 17.56 8.32 -0.05
CA VAL A 48 18.65 7.42 -0.40
C VAL A 48 18.06 6.14 -0.97
N TYR A 49 18.60 5.70 -2.10
CA TYR A 49 18.23 4.42 -2.71
C TYR A 49 19.45 3.51 -2.70
N GLU A 50 19.30 2.31 -2.14
CA GLU A 50 20.32 1.28 -2.22
C GLU A 50 19.68 0.03 -2.81
N GLY A 51 20.11 -0.35 -4.01
CA GLY A 51 19.49 -1.47 -4.71
C GLY A 51 20.03 -1.63 -6.10
N GLU A 52 19.17 -2.10 -7.00
CA GLU A 52 19.59 -2.57 -8.29
C GLU A 52 19.14 -1.63 -9.40
N TRP A 53 20.01 -1.46 -10.40
CA TRP A 53 19.78 -0.56 -11.51
C TRP A 53 19.95 -1.31 -12.82
N ALA A 54 19.17 -0.89 -13.82
CA ALA A 54 19.36 -1.34 -15.20
C ALA A 54 19.06 -0.18 -16.12
N HIS A 55 20.01 0.12 -17.01
CA HIS A 55 19.85 1.15 -18.04
C HIS A 55 19.51 2.50 -17.42
N ASP A 56 20.29 2.89 -16.42
CA ASP A 56 20.22 4.18 -15.73
C ASP A 56 18.97 4.35 -14.88
N MET A 57 18.24 3.28 -14.59
CA MET A 57 17.01 3.38 -13.82
C MET A 57 16.96 2.34 -12.72
N LYS A 58 16.26 2.67 -11.63
CA LYS A 58 16.00 1.69 -10.59
C LYS A 58 15.19 0.53 -11.16
N ASP A 59 15.70 -0.68 -11.00
CA ASP A 59 15.13 -1.85 -11.66
C ASP A 59 15.65 -3.12 -10.98
N GLY A 60 14.74 -3.93 -10.45
CA GLY A 60 15.12 -5.03 -9.59
C GLY A 60 14.74 -4.72 -8.16
N TYR A 61 15.45 -5.30 -7.20
CA TYR A 61 15.16 -5.08 -5.80
C TYR A 61 15.97 -3.89 -5.28
N GLY A 62 15.31 -3.02 -4.52
CA GLY A 62 15.98 -1.85 -3.98
C GLY A 62 15.22 -1.29 -2.79
N VAL A 63 15.97 -0.61 -1.91
CA VAL A 63 15.42 0.01 -0.72
C VAL A 63 15.55 1.53 -0.87
N LEU A 64 14.42 2.24 -0.76
CA LEU A 64 14.43 3.70 -0.74
C LEU A 64 14.09 4.18 0.66
N THR A 65 15.09 4.66 1.37
CA THR A 65 14.90 5.31 2.67
C THR A 65 14.61 6.79 2.40
N TYR A 66 13.35 7.17 2.49
CA TYR A 66 12.99 8.57 2.36
C TYR A 66 13.52 9.37 3.53
N GLN A 67 13.62 10.69 3.33
CA GLN A 67 14.04 11.53 4.46
C GLN A 67 12.85 11.91 5.33
N ASN A 68 11.63 11.85 4.78
CA ASN A 68 10.44 12.15 5.56
C ASN A 68 10.08 10.99 6.49
N GLY A 69 11.00 10.04 6.67
CA GLY A 69 10.85 8.93 7.57
C GLY A 69 10.39 7.65 6.91
N GLU A 70 9.68 7.72 5.80
CA GLU A 70 9.16 6.54 5.13
C GLU A 70 10.29 5.65 4.61
N LYS A 71 9.94 4.49 4.06
CA LYS A 71 10.92 3.50 3.62
C LYS A 71 10.27 2.41 2.79
N TYR A 72 10.69 2.27 1.53
CA TYR A 72 10.17 1.24 0.65
C TYR A 72 11.22 0.16 0.43
N GLU A 73 10.83 -1.09 0.63
CA GLU A 73 11.67 -2.25 0.32
C GLU A 73 10.89 -3.12 -0.65
N GLY A 74 11.46 -3.34 -1.83
CA GLY A 74 10.75 -4.15 -2.81
C GLY A 74 11.28 -3.91 -4.21
N TYR A 75 10.44 -4.23 -5.17
CA TYR A 75 10.86 -4.35 -6.56
C TYR A 75 10.50 -3.12 -7.37
N TRP A 76 11.38 -2.81 -8.33
CA TRP A 76 11.28 -1.66 -9.19
C TRP A 76 11.36 -2.10 -10.65
N LYS A 77 10.71 -1.34 -11.52
CA LYS A 77 10.89 -1.47 -12.96
C LYS A 77 10.95 -0.06 -13.53
N GLN A 78 12.08 0.27 -14.15
CA GLN A 78 12.27 1.52 -14.87
C GLN A 78 11.92 2.74 -14.02
N ASP A 79 12.59 2.82 -12.87
CA ASP A 79 12.58 3.95 -11.94
C ASP A 79 11.28 4.12 -11.14
N LYS A 80 10.33 3.19 -11.26
CA LYS A 80 9.09 3.24 -10.49
C LYS A 80 8.92 1.95 -9.72
N VAL A 81 8.43 2.04 -8.48
CA VAL A 81 8.16 0.81 -7.74
C VAL A 81 7.09 0.03 -8.49
N HIS A 82 7.22 -1.28 -8.50
CA HIS A 82 6.46 -2.11 -9.43
C HIS A 82 6.65 -3.58 -9.07
N GLY A 83 5.57 -4.28 -8.80
CA GLY A 83 5.66 -5.64 -8.31
C GLY A 83 5.45 -5.71 -6.80
N LYS A 84 6.15 -6.63 -6.15
CA LYS A 84 5.99 -6.82 -4.72
C LYS A 84 6.90 -5.85 -3.98
N GLY A 85 6.37 -5.24 -2.93
CA GLY A 85 7.15 -4.31 -2.14
C GLY A 85 6.43 -3.95 -0.85
N THR A 86 7.23 -3.50 0.12
CA THR A 86 6.75 -3.13 1.44
C THR A 86 7.06 -1.67 1.70
N LEU A 87 6.03 -0.89 2.00
CA LEU A 87 6.17 0.51 2.40
C LEU A 87 5.94 0.62 3.89
N THR A 88 6.96 1.01 4.64
CA THR A 88 6.82 1.32 6.06
C THR A 88 6.59 2.82 6.20
N TYR A 89 5.40 3.20 6.64
CA TYR A 89 5.07 4.61 6.78
C TYR A 89 5.78 5.21 7.99
N THR A 90 5.75 6.54 8.07
CA THR A 90 6.52 7.25 9.08
C THR A 90 6.17 6.81 10.49
N ARG A 91 4.91 6.42 10.73
CA ARG A 91 4.44 6.13 12.08
C ARG A 91 4.21 4.64 12.31
N GLY A 92 4.83 3.79 11.50
CA GLY A 92 4.85 2.36 11.75
C GLY A 92 4.01 1.52 10.81
N ASP A 93 2.98 2.10 10.20
CA ASP A 93 2.10 1.33 9.35
C ASP A 93 2.85 0.81 8.12
N LYS A 94 2.59 -0.44 7.76
CA LYS A 94 3.21 -1.07 6.60
C LYS A 94 2.15 -1.45 5.58
N TYR A 95 2.40 -1.14 4.31
CA TYR A 95 1.72 -1.80 3.21
C TYR A 95 2.64 -2.89 2.66
N ILE A 96 2.06 -4.06 2.42
CA ILE A 96 2.80 -5.22 1.91
C ILE A 96 1.94 -5.83 0.83
N GLY A 97 2.34 -5.71 -0.43
CA GLY A 97 1.59 -6.33 -1.49
C GLY A 97 2.00 -5.84 -2.86
N ASP A 98 1.05 -5.86 -3.78
CA ASP A 98 1.30 -5.56 -5.18
C ASP A 98 1.39 -4.06 -5.43
N TRP A 99 2.30 -3.68 -6.32
CA TRP A 99 2.39 -2.32 -6.83
C TRP A 99 2.38 -2.35 -8.36
N MET A 100 1.87 -1.28 -8.94
CA MET A 100 1.94 -1.05 -10.38
C MET A 100 2.20 0.43 -10.60
N ASP A 101 3.27 0.75 -11.32
CA ASP A 101 3.62 2.13 -11.66
C ASP A 101 3.50 3.06 -10.45
N ALA A 102 4.14 2.67 -9.35
CA ALA A 102 4.24 3.39 -8.10
C ALA A 102 2.93 3.45 -7.33
N LYS A 103 1.86 2.85 -7.83
CA LYS A 103 0.58 2.82 -7.13
C LYS A 103 0.30 1.43 -6.58
N LYS A 104 -0.27 1.37 -5.38
CA LYS A 104 -0.83 0.12 -4.88
C LYS A 104 -1.91 -0.37 -5.83
N ASP A 105 -1.70 -1.55 -6.42
CA ASP A 105 -2.63 -2.06 -7.42
C ASP A 105 -2.50 -3.57 -7.48
N GLY A 106 -3.59 -4.28 -7.18
CA GLY A 106 -3.56 -5.71 -7.05
C GLY A 106 -4.00 -6.15 -5.67
N GLU A 107 -3.20 -7.00 -5.03
CA GLU A 107 -3.53 -7.56 -3.73
C GLU A 107 -2.51 -7.07 -2.72
N GLY A 108 -2.98 -6.65 -1.54
CA GLY A 108 -2.08 -6.08 -0.57
C GLY A 108 -2.64 -6.06 0.82
N GLU A 109 -1.73 -6.00 1.79
CA GLU A 109 -2.03 -5.88 3.21
C GLU A 109 -1.66 -4.49 3.68
N LEU A 110 -2.42 -3.97 4.64
CA LEU A 110 -2.01 -2.80 5.40
C LEU A 110 -2.02 -3.19 6.88
N ILE A 111 -0.83 -3.35 7.44
CA ILE A 111 -0.65 -3.71 8.84
C ILE A 111 -0.39 -2.42 9.61
N TYR A 112 -1.37 -1.97 10.39
CA TYR A 112 -1.24 -0.74 11.13
C TYR A 112 -0.47 -0.97 12.43
N ALA A 113 0.11 0.10 12.95
CA ALA A 113 0.89 0.00 14.19
C ALA A 113 -0.01 -0.32 15.37
N ASN A 114 -1.20 0.28 15.42
CA ASN A 114 -2.13 0.16 16.54
C ASN A 114 -2.74 -1.22 16.69
N GLY A 115 -2.36 -2.19 15.86
CA GLY A 115 -2.93 -3.52 15.89
C GLY A 115 -3.92 -3.80 14.78
N ASP A 116 -4.54 -2.77 14.21
CA ASP A 116 -5.46 -2.96 13.10
C ASP A 116 -4.73 -3.62 11.92
N ARG A 117 -5.52 -4.13 10.98
CA ARG A 117 -4.98 -4.89 9.86
C ARG A 117 -6.02 -4.97 8.76
N PHE A 118 -5.55 -4.91 7.51
CA PHE A 118 -6.41 -4.97 6.35
C PHE A 118 -5.77 -5.88 5.32
N LYS A 119 -6.60 -6.59 4.57
CA LYS A 119 -6.13 -7.23 3.34
C LYS A 119 -7.24 -7.23 2.33
N GLY A 120 -6.93 -6.83 1.10
CA GLY A 120 -7.93 -6.82 0.05
C GLY A 120 -7.33 -6.41 -1.28
N GLN A 121 -8.22 -6.10 -2.21
CA GLN A 121 -7.83 -5.66 -3.54
C GLN A 121 -7.55 -4.17 -3.53
N TRP A 122 -6.56 -3.76 -4.32
CA TRP A 122 -6.21 -2.36 -4.47
C TRP A 122 -6.20 -1.97 -5.94
N ALA A 123 -6.51 -0.69 -6.18
CA ALA A 123 -6.39 -0.10 -7.51
C ALA A 123 -6.20 1.39 -7.32
N ASP A 124 -5.45 2.01 -8.23
CA ASP A 124 -5.16 3.44 -8.18
C ASP A 124 -4.79 3.88 -6.77
N ASP A 125 -3.94 3.10 -6.10
CA ASP A 125 -3.40 3.39 -4.78
C ASP A 125 -4.43 3.32 -3.67
N ARG A 126 -5.64 2.82 -3.94
CA ARG A 126 -6.69 2.77 -2.93
C ARG A 126 -7.38 1.42 -2.93
N ALA A 127 -7.96 1.08 -1.78
CA ALA A 127 -8.76 -0.14 -1.66
C ALA A 127 -9.92 -0.11 -2.65
N ASN A 128 -9.96 -1.09 -3.54
CA ASN A 128 -11.02 -1.19 -4.55
C ASN A 128 -11.28 -2.66 -4.82
N GLY A 129 -12.44 -3.14 -4.38
CA GLY A 129 -12.76 -4.55 -4.49
C GLY A 129 -13.01 -5.17 -3.13
N PHE A 130 -12.90 -6.49 -3.05
CA PHE A 130 -13.17 -7.18 -1.80
C PHE A 130 -11.97 -7.09 -0.88
N GLY A 131 -12.25 -6.85 0.40
CA GLY A 131 -11.19 -6.73 1.39
C GLY A 131 -11.77 -6.83 2.79
N VAL A 132 -10.94 -7.32 3.71
CA VAL A 132 -11.32 -7.50 5.11
C VAL A 132 -10.51 -6.54 5.97
N PHE A 133 -11.19 -5.78 6.81
CA PHE A 133 -10.54 -4.93 7.80
C PHE A 133 -10.81 -5.49 9.17
N THR A 134 -9.75 -5.77 9.92
CA THR A 134 -9.84 -6.32 11.27
C THR A 134 -9.22 -5.33 12.25
N TYR A 135 -10.02 -4.87 13.20
CA TYR A 135 -9.55 -3.97 14.24
C TYR A 135 -8.97 -4.76 15.40
N ALA A 136 -8.16 -4.08 16.21
CA ALA A 136 -7.49 -4.75 17.31
C ALA A 136 -8.49 -5.27 18.34
N ASN A 137 -9.54 -4.48 18.62
CA ASN A 137 -10.54 -4.91 19.61
C ASN A 137 -11.27 -6.17 19.16
N GLY A 138 -11.36 -6.39 17.85
CA GLY A 138 -12.10 -7.51 17.30
C GLY A 138 -13.17 -7.12 16.30
N ASN A 139 -13.52 -5.83 16.19
CA ASN A 139 -14.39 -5.38 15.13
C ASN A 139 -13.84 -5.84 13.79
N ARG A 140 -14.73 -6.04 12.82
CA ARG A 140 -14.29 -6.55 11.53
C ARG A 140 -15.26 -6.13 10.46
N TYR A 141 -14.73 -5.62 9.35
CA TYR A 141 -15.52 -5.39 8.15
C TYR A 141 -15.10 -6.38 7.07
N GLU A 142 -16.07 -6.83 6.29
CA GLU A 142 -15.81 -7.75 5.20
C GLU A 142 -16.80 -7.42 4.08
N GLY A 143 -16.28 -7.12 2.91
CA GLY A 143 -17.14 -6.76 1.80
C GLY A 143 -16.40 -5.88 0.82
N GLU A 144 -17.18 -5.10 0.07
CA GLU A 144 -16.65 -4.33 -1.04
C GLU A 144 -16.09 -3.00 -0.59
N TRP A 145 -15.07 -2.53 -1.31
CA TRP A 145 -14.45 -1.23 -1.08
C TRP A 145 -14.40 -0.46 -2.38
N THR A 146 -14.63 0.84 -2.30
CA THR A 146 -14.38 1.76 -3.40
C THR A 146 -13.64 2.96 -2.87
N ASP A 147 -12.50 3.28 -3.52
CA ASP A 147 -11.71 4.47 -3.21
C ASP A 147 -11.39 4.57 -1.72
N ASP A 148 -10.82 3.49 -1.19
CA ASP A 148 -10.37 3.39 0.20
C ASP A 148 -11.52 3.43 1.20
N LYS A 149 -12.77 3.34 0.76
CA LYS A 149 -13.91 3.41 1.64
C LYS A 149 -14.79 2.18 1.51
N ARG A 150 -15.39 1.78 2.63
CA ARG A 150 -16.41 0.73 2.60
C ARG A 150 -17.55 1.19 1.71
N HIS A 151 -17.87 0.38 0.71
CA HIS A 151 -18.77 0.85 -0.35
C HIS A 151 -19.28 -0.32 -1.17
N GLY A 152 -20.57 -0.59 -1.10
CA GLY A 152 -21.16 -1.76 -1.68
C GLY A 152 -21.74 -2.66 -0.61
N ARG A 153 -21.85 -3.94 -0.96
CA ARG A 153 -22.32 -4.94 -0.01
C ARG A 153 -21.23 -5.30 0.97
N GLY A 154 -21.56 -5.34 2.25
CA GLY A 154 -20.56 -5.64 3.26
C GLY A 154 -21.18 -6.13 4.54
N VAL A 155 -20.31 -6.58 5.44
CA VAL A 155 -20.69 -7.07 6.76
C VAL A 155 -19.76 -6.43 7.77
N PHE A 156 -20.32 -5.81 8.81
CA PHE A 156 -19.54 -5.20 9.87
C PHE A 156 -19.95 -5.80 11.20
N TYR A 157 -18.96 -6.31 11.95
CA TYR A 157 -19.19 -7.02 13.20
C TYR A 157 -18.61 -6.21 14.34
N CYS A 158 -19.44 -5.84 15.31
CA CYS A 158 -19.00 -5.11 16.50
C CYS A 158 -18.73 -6.11 17.60
N ALA A 159 -17.45 -6.38 17.88
CA ALA A 159 -17.08 -7.39 18.86
C ALA A 159 -17.51 -7.03 20.27
N GLU A 160 -17.77 -5.75 20.54
CA GLU A 160 -18.33 -5.37 21.83
C GLU A 160 -19.69 -6.03 22.06
N ASP A 161 -20.64 -5.76 21.15
CA ASP A 161 -21.99 -6.27 21.28
C ASP A 161 -22.19 -7.64 20.64
N GLY A 162 -21.18 -8.17 19.97
CA GLY A 162 -21.31 -9.47 19.33
C GLY A 162 -22.27 -9.45 18.15
N SER A 163 -22.67 -8.26 17.73
CA SER A 163 -23.63 -8.08 16.66
C SER A 163 -22.94 -7.81 15.33
N ALA A 164 -23.70 -7.96 14.25
CA ALA A 164 -23.19 -7.78 12.90
C ALA A 164 -24.25 -7.10 12.04
N TYR A 165 -23.83 -6.09 11.28
CA TYR A 165 -24.66 -5.47 10.26
C TYR A 165 -24.35 -6.10 8.91
N GLU A 166 -25.39 -6.49 8.18
CA GLU A 166 -25.24 -6.96 6.81
C GLU A 166 -26.13 -6.12 5.92
N GLY A 167 -25.51 -5.34 5.05
CA GLY A 167 -26.27 -4.49 4.16
C GLY A 167 -25.35 -3.71 3.25
N GLU A 168 -25.86 -2.60 2.75
CA GLU A 168 -25.11 -1.76 1.81
C GLU A 168 -24.34 -0.69 2.55
N PHE A 169 -23.21 -0.29 1.97
CA PHE A 169 -22.38 0.80 2.46
C PHE A 169 -22.19 1.81 1.35
N VAL A 170 -22.31 3.08 1.69
CA VAL A 170 -22.04 4.18 0.76
C VAL A 170 -21.02 5.10 1.40
N GLY A 171 -19.87 5.26 0.77
CA GLY A 171 -18.85 6.16 1.28
C GLY A 171 -18.41 5.85 2.70
N GLY A 172 -18.32 4.57 3.04
CA GLY A 172 -17.92 4.17 4.38
C GLY A 172 -19.02 4.22 5.41
N ARG A 173 -20.26 4.49 5.02
CA ARG A 173 -21.37 4.59 5.96
C ARG A 173 -22.44 3.56 5.62
N LYS A 174 -23.00 2.95 6.66
CA LYS A 174 -24.17 2.09 6.47
C LYS A 174 -25.32 2.91 5.89
N GLU A 175 -25.86 2.46 4.77
CA GLU A 175 -26.93 3.17 4.09
C GLU A 175 -27.97 2.18 3.56
N GLY A 176 -29.23 2.52 3.72
CA GLY A 176 -30.29 1.75 3.11
C GLY A 176 -30.83 0.64 4.00
N ASN A 177 -31.48 -0.32 3.33
CA ASN A 177 -32.12 -1.43 4.01
C ASN A 177 -31.07 -2.46 4.39
N GLY A 178 -30.97 -2.78 5.68
CA GLY A 178 -29.98 -3.72 6.15
C GLY A 178 -30.55 -4.67 7.19
N ILE A 179 -29.74 -5.67 7.52
CA ILE A 179 -30.06 -6.65 8.55
C ILE A 179 -29.06 -6.50 9.69
N LEU A 180 -29.58 -6.55 10.92
CA LEU A 180 -28.77 -6.45 12.12
C LEU A 180 -28.87 -7.76 12.88
N ARG A 181 -27.84 -8.59 12.78
CA ARG A 181 -27.83 -9.88 13.44
C ARG A 181 -27.18 -9.75 14.81
N LEU A 182 -27.86 -10.25 15.84
CA LEU A 182 -27.35 -10.24 17.20
C LEU A 182 -26.72 -11.58 17.56
N ALA A 183 -25.94 -11.56 18.65
CA ALA A 183 -25.19 -12.75 19.04
C ALA A 183 -26.09 -13.97 19.24
N THR A 184 -27.32 -13.75 19.72
CA THR A 184 -28.23 -14.84 19.98
C THR A 184 -28.90 -15.40 18.73
N GLY A 185 -28.66 -14.80 17.57
CA GLY A 185 -29.20 -15.28 16.32
C GLY A 185 -30.36 -14.46 15.78
N HIS A 186 -31.05 -13.71 16.64
CA HIS A 186 -32.13 -12.85 16.16
C HIS A 186 -31.60 -11.84 15.17
N GLN A 187 -32.47 -11.39 14.28
CA GLN A 187 -32.13 -10.35 13.32
C GLN A 187 -33.11 -9.19 13.44
N LEU A 188 -32.63 -8.02 13.06
CA LEU A 188 -33.47 -6.83 12.95
C LEU A 188 -33.30 -6.29 11.54
N GLU A 189 -34.40 -6.22 10.81
CA GLU A 189 -34.41 -5.57 9.51
C GLU A 189 -34.71 -4.10 9.73
N GLY A 190 -33.94 -3.25 9.07
CA GLY A 190 -34.11 -1.83 9.29
C GLY A 190 -33.56 -1.03 8.13
N THR A 191 -33.67 0.29 8.27
CA THR A 191 -33.12 1.23 7.29
C THR A 191 -32.08 2.10 7.99
N TRP A 192 -30.91 2.20 7.36
CA TRP A 192 -29.83 3.04 7.88
C TRP A 192 -29.67 4.26 6.98
N SER A 193 -29.33 5.39 7.59
CA SER A 193 -29.03 6.62 6.85
C SER A 193 -27.86 7.31 7.53
N GLY A 194 -26.79 7.57 6.79
CA GLY A 194 -25.61 8.16 7.39
C GLY A 194 -25.01 7.28 8.47
N GLY A 195 -25.03 5.97 8.27
CA GLY A 195 -24.49 5.03 9.22
C GLY A 195 -25.32 4.83 10.47
N GLN A 196 -26.46 5.49 10.60
CA GLN A 196 -27.26 5.38 11.80
C GLN A 196 -28.59 4.69 11.49
N LEU A 197 -29.02 3.82 12.42
CA LEU A 197 -30.30 3.14 12.30
C LEU A 197 -31.43 4.13 12.53
N VAL A 198 -32.24 4.36 11.50
CA VAL A 198 -33.29 5.36 11.58
C VAL A 198 -34.70 4.75 11.59
N ARG A 199 -34.86 3.49 11.21
CA ARG A 199 -36.16 2.84 11.28
C ARG A 199 -35.98 1.33 11.36
N VAL A 200 -36.66 0.70 12.31
CA VAL A 200 -36.70 -0.76 12.43
C VAL A 200 -38.00 -1.25 11.81
N THR A 201 -37.89 -2.11 10.80
CA THR A 201 -39.09 -2.61 10.13
C THR A 201 -39.57 -3.95 10.66
N SER A 202 -38.66 -4.86 11.04
CA SER A 202 -39.10 -6.17 11.51
C SER A 202 -38.06 -6.78 12.44
N PHE A 203 -38.51 -7.78 13.18
CA PHE A 203 -37.69 -8.52 14.13
C PHE A 203 -37.82 -10.00 13.80
N VAL A 204 -36.74 -10.62 13.31
CA VAL A 204 -36.76 -11.98 12.79
C VAL A 204 -36.13 -12.93 13.79
N PHE A 205 -36.68 -14.14 13.91
CA PHE A 205 -36.35 -15.06 14.98
C PHE A 205 -35.34 -16.11 14.54
N ALA A 206 -34.71 -16.73 15.54
CA ALA A 206 -33.68 -17.75 15.33
C ALA A 206 -34.32 -19.14 15.21
C1 EDO B . -24.25 -2.12 24.16
O1 EDO B . -23.31 -3.16 23.91
C2 EDO B . -24.21 -1.09 23.03
O2 EDO B . -24.54 -1.75 21.79
ZN ZN C . -21.42 -1.81 18.90
C1 GOL D . 8.74 -7.09 0.66
O1 GOL D . 7.49 -7.28 0.07
C2 GOL D . 9.71 -6.60 -0.44
O2 GOL D . 11.04 -6.77 -0.07
C3 GOL D . 9.32 -7.37 -1.74
O3 GOL D . 10.40 -8.18 -2.09
#